data_6WM1
#
_entry.id   6WM1
#
_cell.length_a   36.010
_cell.length_b   62.977
_cell.length_c   90.889
_cell.angle_alpha   90.000
_cell.angle_beta   90.000
_cell.angle_gamma   90.000
#
_symmetry.space_group_name_H-M   'P 21 21 21'
#
loop_
_entity.id
_entity.type
_entity.pdbx_description
1 polymer 'Growth factor receptor-bound protein 2'
2 polymer ACE-PTR-02K-ASN-PRA
3 non-polymer GLYCEROL
4 non-polymer 'CALCIUM ION'
5 non-polymer 'CHLORIDE ION'
6 water water
#
loop_
_entity_poly.entity_id
_entity_poly.type
_entity_poly.pdbx_seq_one_letter_code
_entity_poly.pdbx_strand_id
1 'polypeptide(L)'
;IEMKPHPWFFGKIPRAKAEEMLSKQRHDGAFLIRESESAPGDFSLSVKFGNDVQHFKVLRDGAGKYFLWVVKFNSLNELV
DYHRSTSVSRNQQIFLRDIEQVPQQPTYVQAHHHHHH
;
A,C
2 'polypeptide(L)' (ACE)(PTR)(02K)N(PRA) B,D
#
loop_
_chem_comp.id
_chem_comp.type
_chem_comp.name
_chem_comp.formula
ACE non-polymer 'ACETYL GROUP' 'C2 H4 O'
CA non-polymer 'CALCIUM ION' 'Ca 2'
CL non-polymer 'CHLORIDE ION' 'Cl -1'
GOL non-polymer GLYCEROL 'C3 H8 O3'
PRA non-polymer 3-PHENYLPROPYLAMINE 'C9 H13 N'
#
# COMPACT_ATOMS: atom_id res chain seq x y z
N MET A 3 -4.75 14.69 -5.42
CA MET A 3 -4.98 13.66 -4.34
C MET A 3 -4.62 12.21 -4.76
N LYS A 4 -4.84 11.85 -6.04
CA LYS A 4 -4.38 10.58 -6.73
C LYS A 4 -3.77 9.34 -5.96
N PRO A 5 -4.12 8.12 -6.40
CA PRO A 5 -3.49 6.93 -5.75
C PRO A 5 -2.01 6.84 -6.13
N HIS A 6 -1.21 6.14 -5.31
CA HIS A 6 0.25 6.09 -5.58
C HIS A 6 0.58 5.12 -6.68
N PRO A 7 1.45 5.52 -7.63
CA PRO A 7 1.67 4.60 -8.75
C PRO A 7 2.64 3.50 -8.41
N TRP A 8 3.04 3.44 -7.14
CA TRP A 8 4.05 2.49 -6.70
C TRP A 8 3.60 1.33 -5.90
N PHE A 9 2.29 1.26 -5.58
CA PHE A 9 1.83 0.16 -4.77
C PHE A 9 1.17 -0.95 -5.59
N PHE A 10 1.86 -2.09 -5.68
CA PHE A 10 1.39 -3.20 -6.54
C PHE A 10 0.78 -4.35 -5.79
N GLY A 11 0.68 -4.22 -4.46
CA GLY A 11 0.10 -5.35 -3.64
C GLY A 11 0.86 -6.64 -3.69
N LYS A 12 0.13 -7.74 -3.74
CA LYS A 12 0.78 -9.03 -3.68
C LYS A 12 1.10 -9.48 -5.09
N ILE A 13 2.33 -9.26 -5.51
CA ILE A 13 2.80 -9.78 -6.83
C ILE A 13 4.07 -10.54 -6.47
N PRO A 14 4.40 -11.60 -7.24
CA PRO A 14 5.57 -12.42 -6.91
C PRO A 14 6.82 -11.57 -7.16
N ARG A 15 7.88 -11.85 -6.40
CA ARG A 15 9.21 -11.20 -6.58
C ARG A 15 9.61 -11.28 -8.08
N ALA A 16 9.32 -12.43 -8.69
CA ALA A 16 9.81 -12.68 -10.06
C ALA A 16 9.09 -11.75 -11.03
N LYS A 17 7.80 -11.49 -10.76
CA LYS A 17 7.02 -10.59 -11.62
C LYS A 17 7.48 -9.17 -11.41
N ALA A 18 7.85 -8.82 -10.18
CA ALA A 18 8.41 -7.48 -9.90
C ALA A 18 9.72 -7.30 -10.67
N GLU A 19 10.57 -8.32 -10.64
CA GLU A 19 11.82 -8.29 -11.40
C GLU A 19 11.54 -8.17 -12.93
N GLU A 20 10.57 -8.92 -13.44
CA GLU A 20 10.27 -8.94 -14.91
C GLU A 20 9.85 -7.48 -15.34
N MET A 21 8.97 -6.90 -14.53
N MET A 21 8.95 -6.90 -14.56
CA MET A 21 8.41 -5.62 -14.78
CA MET A 21 8.43 -5.58 -14.84
C MET A 21 9.47 -4.51 -14.67
C MET A 21 9.50 -4.49 -14.69
N LEU A 22 10.25 -4.53 -13.60
CA LEU A 22 11.31 -3.51 -13.40
C LEU A 22 12.48 -3.66 -14.42
N SER A 23 12.70 -4.90 -14.88
CA SER A 23 13.70 -5.15 -15.90
C SER A 23 13.40 -4.40 -17.16
N LYS A 24 12.11 -4.23 -17.46
CA LYS A 24 11.68 -3.47 -18.68
C LYS A 24 11.75 -1.96 -18.57
N GLN A 25 11.78 -1.46 -17.33
CA GLN A 25 11.85 -0.01 -17.05
C GLN A 25 13.15 0.60 -17.52
N ARG A 26 13.14 1.86 -17.93
CA ARG A 26 14.35 2.49 -18.49
C ARG A 26 15.26 3.21 -17.51
N HIS A 27 14.75 3.53 -16.32
CA HIS A 27 15.42 4.50 -15.47
C HIS A 27 15.87 3.84 -14.17
N ASP A 28 17.12 4.04 -13.79
CA ASP A 28 17.54 3.56 -12.45
C ASP A 28 16.71 4.28 -11.37
N GLY A 29 16.28 3.53 -10.38
CA GLY A 29 15.50 4.06 -9.31
C GLY A 29 14.03 3.78 -9.52
N ALA A 30 13.65 3.33 -10.70
CA ALA A 30 12.25 2.96 -10.93
C ALA A 30 11.93 1.90 -9.85
N PHE A 31 10.73 1.95 -9.23
CA PHE A 31 10.56 1.11 -8.07
C PHE A 31 9.09 0.76 -7.84
N LEU A 32 8.88 -0.19 -6.95
CA LEU A 32 7.54 -0.50 -6.48
C LEU A 32 7.62 -1.04 -5.08
N ILE A 33 6.47 -1.02 -4.38
CA ILE A 33 6.34 -1.67 -3.10
C ILE A 33 5.38 -2.83 -3.34
N ARG A 34 5.73 -3.99 -2.84
CA ARG A 34 4.86 -5.17 -2.97
C ARG A 34 4.68 -5.82 -1.61
N GLU A 35 3.72 -6.74 -1.49
CA GLU A 35 3.44 -7.42 -0.27
C GLU A 35 4.07 -8.78 -0.38
N SER A 36 4.72 -9.17 0.69
CA SER A 36 5.44 -10.48 0.74
C SER A 36 4.52 -11.62 0.46
N GLU A 37 4.99 -12.61 -0.29
CA GLU A 37 4.20 -13.90 -0.40
C GLU A 37 4.53 -14.88 0.71
N SER A 38 5.60 -14.62 1.46
CA SER A 38 5.99 -15.58 2.50
C SER A 38 5.64 -15.12 3.91
N ALA A 39 5.75 -13.82 4.17
CA ALA A 39 5.60 -13.33 5.52
C ALA A 39 4.34 -12.44 5.58
N PRO A 40 3.24 -12.97 6.12
CA PRO A 40 1.97 -12.20 6.18
C PRO A 40 2.15 -10.78 6.64
N GLY A 41 1.70 -9.82 5.84
CA GLY A 41 1.63 -8.48 6.37
C GLY A 41 2.93 -7.71 6.20
N ASP A 42 3.91 -8.32 5.54
CA ASP A 42 5.22 -7.65 5.35
C ASP A 42 5.31 -7.10 3.94
N PHE A 43 6.17 -6.08 3.75
CA PHE A 43 6.30 -5.32 2.51
C PHE A 43 7.74 -5.48 2.05
N SER A 44 7.93 -5.36 0.74
CA SER A 44 9.23 -5.29 0.17
C SER A 44 9.29 -4.22 -0.89
N LEU A 45 10.49 -3.69 -1.14
CA LEU A 45 10.69 -2.58 -2.02
C LEU A 45 11.62 -3.07 -3.08
N SER A 46 11.19 -2.93 -4.32
CA SER A 46 12.01 -3.45 -5.46
C SER A 46 12.40 -2.28 -6.34
N VAL A 47 13.70 -2.27 -6.73
CA VAL A 47 14.29 -1.07 -7.32
C VAL A 47 15.20 -1.41 -8.47
N LYS A 48 14.92 -0.80 -9.62
CA LYS A 48 15.80 -0.96 -10.79
C LYS A 48 17.18 -0.29 -10.59
N PHE A 49 18.27 -1.09 -10.82
CA PHE A 49 19.60 -0.50 -10.93
C PHE A 49 20.40 -1.18 -12.09
N GLY A 50 20.51 -0.53 -13.25
CA GLY A 50 21.24 -1.12 -14.42
C GLY A 50 20.44 -2.31 -14.91
N ASN A 51 21.08 -3.44 -15.22
CA ASN A 51 20.24 -4.54 -15.56
C ASN A 51 20.13 -5.52 -14.38
N ASP A 52 19.91 -4.93 -13.20
CA ASP A 52 19.62 -5.66 -12.00
C ASP A 52 18.38 -5.07 -11.31
N VAL A 53 17.76 -5.86 -10.43
CA VAL A 53 16.62 -5.35 -9.63
C VAL A 53 17.11 -5.62 -8.20
N GLN A 54 17.24 -4.55 -7.43
CA GLN A 54 17.62 -4.68 -6.02
C GLN A 54 16.31 -4.78 -5.22
N HIS A 55 16.31 -5.60 -4.18
CA HIS A 55 15.16 -5.68 -3.30
C HIS A 55 15.60 -5.28 -1.90
N PHE A 56 14.73 -4.53 -1.24
CA PHE A 56 14.93 -4.17 0.15
C PHE A 56 13.75 -4.67 0.99
N LYS A 57 14.04 -5.26 2.17
CA LYS A 57 12.95 -5.67 3.05
C LYS A 57 12.45 -4.50 3.91
N VAL A 58 11.12 -4.26 3.93
CA VAL A 58 10.58 -3.18 4.79
C VAL A 58 10.50 -3.77 6.19
N LEU A 59 11.37 -3.32 7.07
CA LEU A 59 11.50 -3.91 8.41
C LEU A 59 10.51 -3.19 9.34
N ARG A 60 10.03 -3.90 10.37
CA ARG A 60 9.13 -3.30 11.41
C ARG A 60 9.76 -3.36 12.79
N ASP A 61 9.48 -2.41 13.66
CA ASP A 61 9.97 -2.58 15.02
C ASP A 61 8.72 -2.76 15.88
N GLY A 62 8.93 -2.76 17.19
CA GLY A 62 7.83 -2.99 18.09
C GLY A 62 6.78 -1.91 18.16
N ALA A 63 7.19 -0.73 17.69
CA ALA A 63 6.34 0.41 17.63
C ALA A 63 5.57 0.45 16.33
N GLY A 64 5.80 -0.51 15.43
CA GLY A 64 5.18 -0.49 14.10
C GLY A 64 5.75 0.57 13.16
N LYS A 65 6.96 1.10 13.45
CA LYS A 65 7.58 1.98 12.47
C LYS A 65 7.98 1.05 11.29
N TYR A 66 8.21 1.69 10.15
CA TYR A 66 8.70 1.02 8.91
C TYR A 66 10.11 1.55 8.76
N PHE A 67 11.09 0.70 8.45
CA PHE A 67 12.46 1.19 8.17
C PHE A 67 13.19 0.27 7.21
N LEU A 68 14.23 0.82 6.59
CA LEU A 68 15.12 -0.06 5.83
C LEU A 68 16.45 -0.26 6.54
N TRP A 69 16.97 0.86 7.10
CA TRP A 69 18.32 0.91 7.66
C TRP A 69 18.25 1.24 9.15
N VAL A 70 18.31 2.53 9.47
CA VAL A 70 18.21 2.97 10.88
C VAL A 70 17.09 3.98 11.10
N VAL A 71 16.98 4.97 10.22
CA VAL A 71 15.90 5.96 10.30
C VAL A 71 14.51 5.28 10.38
N LYS A 72 13.64 5.64 11.33
CA LYS A 72 12.29 4.99 11.44
C LYS A 72 11.21 5.89 10.85
N PHE A 73 10.29 5.31 10.07
CA PHE A 73 9.23 6.09 9.40
C PHE A 73 7.88 5.72 9.93
N ASN A 74 6.95 6.67 9.92
CA ASN A 74 5.59 6.33 10.41
C ASN A 74 4.73 5.61 9.41
N SER A 75 5.16 5.58 8.14
CA SER A 75 4.30 5.08 7.06
C SER A 75 5.23 4.65 5.91
N LEU A 76 4.72 3.77 5.08
CA LEU A 76 5.40 3.40 3.85
C LEU A 76 5.50 4.66 2.99
N ASN A 77 4.45 5.49 2.99
CA ASN A 77 4.46 6.68 2.11
C ASN A 77 5.68 7.56 2.48
N GLU A 78 5.97 7.70 3.78
CA GLU A 78 7.07 8.58 4.24
C GLU A 78 8.44 7.99 3.96
N LEU A 79 8.51 6.67 4.07
CA LEU A 79 9.76 5.91 3.75
C LEU A 79 10.05 6.09 2.26
N VAL A 80 9.00 5.93 1.43
CA VAL A 80 9.17 6.02 -0.04
C VAL A 80 9.67 7.46 -0.39
N ASP A 81 8.96 8.45 0.12
CA ASP A 81 9.25 9.80 -0.27
C ASP A 81 10.61 10.26 0.19
N TYR A 82 10.99 9.86 1.40
CA TYR A 82 12.37 10.17 1.89
C TYR A 82 13.42 9.65 0.89
N HIS A 83 13.20 8.42 0.40
CA HIS A 83 14.14 7.80 -0.55
C HIS A 83 14.13 8.30 -1.97
N ARG A 84 13.26 9.30 -2.22
CA ARG A 84 13.30 10.03 -3.50
C ARG A 84 14.49 11.02 -3.51
N SER A 85 14.91 11.42 -2.33
CA SER A 85 16.05 12.31 -2.28
C SER A 85 17.21 11.94 -1.37
N THR A 86 17.15 10.78 -0.70
CA THR A 86 18.32 10.18 0.00
C THR A 86 18.47 8.79 -0.55
N SER A 87 19.71 8.33 -0.86
N SER A 87 19.69 8.37 -0.95
CA SER A 87 19.87 7.02 -1.55
CA SER A 87 19.84 7.05 -1.62
C SER A 87 19.29 5.85 -0.79
C SER A 87 19.14 5.99 -0.80
N VAL A 88 18.50 5.03 -1.48
CA VAL A 88 18.01 3.82 -0.85
C VAL A 88 19.15 2.83 -0.65
N SER A 89 20.19 2.93 -1.49
CA SER A 89 21.35 2.02 -1.46
C SER A 89 22.51 2.60 -0.63
N ARG A 90 23.24 1.72 0.09
CA ARG A 90 24.48 2.15 0.79
C ARG A 90 25.68 2.14 -0.15
N ASN A 91 25.60 1.35 -1.21
CA ASN A 91 26.75 1.19 -2.17
C ASN A 91 26.80 2.08 -3.39
N GLN A 92 25.66 2.62 -3.79
CA GLN A 92 25.48 3.38 -5.02
C GLN A 92 24.50 4.43 -4.66
N GLN A 93 24.58 5.55 -5.38
N GLN A 93 24.53 5.56 -5.38
CA GLN A 93 23.52 6.53 -5.37
CA GLN A 93 23.49 6.59 -5.20
C GLN A 93 22.34 5.95 -6.17
C GLN A 93 22.25 6.30 -6.08
N ILE A 94 21.24 5.66 -5.46
CA ILE A 94 19.98 5.27 -6.11
C ILE A 94 18.80 6.05 -5.48
N PHE A 95 18.17 6.93 -6.21
CA PHE A 95 16.98 7.64 -5.71
C PHE A 95 15.72 7.04 -6.31
N LEU A 96 14.67 6.82 -5.53
CA LEU A 96 13.48 6.20 -6.06
C LEU A 96 12.80 7.16 -7.02
N ARG A 97 12.31 6.61 -8.11
CA ARG A 97 11.48 7.36 -9.04
C ARG A 97 10.36 6.51 -9.57
N ASP A 98 9.20 7.15 -9.79
CA ASP A 98 8.01 6.44 -10.15
C ASP A 98 8.20 5.63 -11.47
N ILE A 99 7.66 4.42 -11.46
CA ILE A 99 7.60 3.62 -12.69
C ILE A 99 6.82 4.32 -13.80
N GLU A 100 7.17 4.01 -15.04
CA GLU A 100 6.53 4.54 -16.24
C GLU A 100 5.63 3.49 -16.81
N GLN A 101 4.39 3.87 -17.09
CA GLN A 101 3.28 2.94 -17.45
C GLN A 101 3.38 2.37 -18.89
N VAL A 102 4.51 2.64 -19.56
CA VAL A 102 4.76 2.24 -20.97
C VAL A 102 5.18 0.77 -21.21
N GLU B 2 -3.16 -7.11 -17.46
CA GLU B 2 -1.80 -6.58 -17.14
C GLU B 2 -1.61 -6.28 -15.62
N MET B 3 -0.38 -6.46 -15.14
CA MET B 3 0.00 -6.06 -13.80
C MET B 3 0.16 -4.53 -13.74
N LYS B 4 -0.67 -3.87 -12.90
CA LYS B 4 -0.70 -2.37 -12.80
C LYS B 4 -0.72 -1.97 -11.34
N PRO B 5 -0.35 -0.71 -11.00
CA PRO B 5 -0.42 -0.38 -9.55
C PRO B 5 -1.86 -0.30 -9.11
N HIS B 6 -2.16 -0.53 -7.83
CA HIS B 6 -3.56 -0.58 -7.44
C HIS B 6 -4.11 0.80 -7.19
N PRO B 7 -5.29 1.12 -7.80
CA PRO B 7 -5.83 2.47 -7.72
C PRO B 7 -6.47 2.78 -6.35
N TRP B 8 -6.33 1.85 -5.43
CA TRP B 8 -6.91 2.08 -4.12
C TRP B 8 -5.93 2.47 -3.03
N PHE B 9 -4.61 2.44 -3.35
CA PHE B 9 -3.64 2.75 -2.32
C PHE B 9 -3.22 4.20 -2.34
N PHE B 10 -3.69 4.92 -1.31
CA PHE B 10 -3.45 6.36 -1.21
C PHE B 10 -2.38 6.81 -0.26
N GLY B 11 -1.76 5.87 0.46
CA GLY B 11 -0.62 6.24 1.38
C GLY B 11 -1.18 7.10 2.49
N LYS B 12 -0.42 8.11 2.91
CA LYS B 12 -0.69 8.92 4.13
C LYS B 12 -1.45 10.17 3.66
N ILE B 13 -2.77 10.06 3.64
CA ILE B 13 -3.68 11.20 3.40
C ILE B 13 -4.54 11.33 4.63
N PRO B 14 -4.87 12.58 5.01
CA PRO B 14 -5.66 12.71 6.23
C PRO B 14 -7.04 12.03 6.08
N ARG B 15 -7.56 11.51 7.19
CA ARG B 15 -8.96 11.03 7.25
C ARG B 15 -9.93 12.03 6.55
N ALA B 16 -9.76 13.35 6.79
CA ALA B 16 -10.71 14.33 6.18
C ALA B 16 -10.62 14.39 4.68
N LYS B 17 -9.41 14.24 4.17
CA LYS B 17 -9.17 14.32 2.75
C LYS B 17 -9.72 13.06 2.06
N ALA B 18 -9.64 11.92 2.75
CA ALA B 18 -10.31 10.72 2.24
C ALA B 18 -11.80 10.92 2.12
N GLU B 19 -12.40 11.61 3.12
CA GLU B 19 -13.85 11.86 3.05
C GLU B 19 -14.15 12.78 1.88
N GLU B 20 -13.28 13.78 1.67
CA GLU B 20 -13.51 14.75 0.59
C GLU B 20 -13.55 14.04 -0.75
N MET B 21 -12.55 13.21 -0.97
N MET B 21 -12.55 13.22 -0.97
CA MET B 21 -12.43 12.51 -2.22
CA MET B 21 -12.42 12.54 -2.23
C MET B 21 -13.54 11.50 -2.46
C MET B 21 -13.49 11.49 -2.47
N LEU B 22 -13.81 10.64 -1.48
CA LEU B 22 -14.84 9.59 -1.63
C LEU B 22 -16.25 10.16 -1.78
N SER B 23 -16.52 11.27 -1.10
CA SER B 23 -17.87 11.90 -1.20
C SER B 23 -18.18 12.36 -2.65
N LYS B 24 -17.15 12.63 -3.45
CA LYS B 24 -17.41 13.01 -4.84
C LYS B 24 -17.54 11.86 -5.80
N GLN B 25 -17.20 10.69 -5.33
CA GLN B 25 -17.35 9.46 -6.13
C GLN B 25 -18.80 9.22 -6.41
N ARG B 26 -19.07 8.48 -7.47
CA ARG B 26 -20.45 8.23 -7.87
C ARG B 26 -21.11 6.95 -7.37
N HIS B 27 -20.38 6.03 -6.68
CA HIS B 27 -20.95 4.70 -6.42
C HIS B 27 -20.75 4.33 -4.95
N ASP B 28 -21.79 3.81 -4.31
CA ASP B 28 -21.59 3.14 -3.01
C ASP B 28 -20.49 2.07 -3.12
N GLY B 29 -19.65 2.01 -2.09
CA GLY B 29 -18.58 1.02 -2.08
C GLY B 29 -17.29 1.60 -2.70
N ALA B 30 -17.32 2.79 -3.31
CA ALA B 30 -16.06 3.45 -3.80
C ALA B 30 -15.13 3.56 -2.54
N PHE B 31 -13.84 3.23 -2.67
CA PHE B 31 -13.05 3.08 -1.46
C PHE B 31 -11.59 3.35 -1.73
N LEU B 32 -10.87 3.51 -0.62
CA LEU B 32 -9.41 3.58 -0.64
C LEU B 32 -8.81 3.02 0.64
N ILE B 33 -7.56 2.55 0.55
CA ILE B 33 -6.78 2.26 1.75
C ILE B 33 -5.82 3.41 1.98
N ARG B 34 -5.72 3.83 3.24
CA ARG B 34 -4.81 4.91 3.60
C ARG B 34 -3.98 4.47 4.83
N GLU B 35 -2.89 5.15 5.09
CA GLU B 35 -2.07 4.88 6.23
C GLU B 35 -2.54 5.87 7.30
N SER B 36 -3.03 5.30 8.41
CA SER B 36 -3.58 6.11 9.52
C SER B 36 -2.57 7.17 10.06
N GLU B 37 -3.04 8.39 10.30
CA GLU B 37 -2.26 9.39 11.04
C GLU B 37 -2.48 9.32 12.56
N SER B 38 -3.70 9.01 12.97
CA SER B 38 -4.04 8.80 14.37
C SER B 38 -3.32 7.57 14.97
N ALA B 39 -3.22 6.50 14.19
CA ALA B 39 -2.58 5.23 14.57
C ALA B 39 -1.40 4.93 13.64
N PRO B 40 -0.24 5.66 13.78
CA PRO B 40 0.84 5.40 12.76
C PRO B 40 1.27 3.97 12.78
N GLY B 41 1.48 3.40 11.58
CA GLY B 41 1.89 2.04 11.46
C GLY B 41 0.68 1.19 11.05
N ASP B 42 -0.52 1.75 11.16
CA ASP B 42 -1.76 1.01 10.88
C ASP B 42 -2.43 1.56 9.60
N PHE B 43 -3.20 0.71 8.95
CA PHE B 43 -3.99 1.15 7.80
C PHE B 43 -5.46 1.35 8.19
N SER B 44 -6.10 2.23 7.44
CA SER B 44 -7.55 2.38 7.48
C SER B 44 -8.16 2.28 6.08
N LEU B 45 -9.37 1.73 6.06
CA LEU B 45 -10.14 1.54 4.87
C LEU B 45 -11.31 2.54 4.91
N SER B 46 -11.43 3.41 3.92
CA SER B 46 -12.53 4.41 3.88
C SER B 46 -13.47 4.09 2.71
N VAL B 47 -14.81 4.13 2.92
CA VAL B 47 -15.74 3.63 1.89
C VAL B 47 -16.92 4.59 1.83
N LYS B 48 -17.30 4.98 0.62
CA LYS B 48 -18.50 5.77 0.38
C LYS B 48 -19.73 4.94 0.59
N PHE B 49 -20.66 5.50 1.37
CA PHE B 49 -21.95 4.87 1.52
C PHE B 49 -23.03 5.94 1.69
N GLY B 50 -23.84 6.10 0.64
CA GLY B 50 -24.88 7.13 0.63
C GLY B 50 -24.16 8.48 0.65
N ASN B 51 -24.61 9.35 1.55
CA ASN B 51 -24.08 10.67 1.67
C ASN B 51 -22.94 10.74 2.71
N ASP B 52 -22.45 9.57 3.10
CA ASP B 52 -21.48 9.50 4.19
C ASP B 52 -20.23 8.76 3.68
N VAL B 53 -19.15 8.80 4.48
CA VAL B 53 -17.98 7.93 4.25
C VAL B 53 -17.70 7.23 5.56
N GLN B 54 -17.57 5.90 5.48
CA GLN B 54 -17.39 5.06 6.68
C GLN B 54 -15.94 4.69 6.75
N HIS B 55 -15.40 4.49 7.96
CA HIS B 55 -13.98 4.18 8.07
C HIS B 55 -13.84 2.91 8.87
N PHE B 56 -12.97 2.01 8.43
CA PHE B 56 -12.81 0.72 9.06
C PHE B 56 -11.34 0.66 9.41
N LYS B 57 -11.05 0.18 10.60
N LYS B 57 -11.03 0.22 10.61
CA LYS B 57 -9.66 0.01 11.01
CA LYS B 57 -9.62 0.06 10.96
C LYS B 57 -9.13 -1.34 10.46
C LYS B 57 -9.12 -1.31 10.47
N VAL B 58 -7.99 -1.28 9.75
CA VAL B 58 -7.30 -2.51 9.38
C VAL B 58 -6.52 -3.03 10.61
N LEU B 59 -6.99 -4.15 11.16
CA LEU B 59 -6.39 -4.73 12.36
C LEU B 59 -5.32 -5.72 11.93
N ARG B 60 -4.35 -6.00 12.79
CA ARG B 60 -3.30 -6.99 12.52
C ARG B 60 -3.26 -7.98 13.66
N ASP B 61 -3.20 -9.27 13.37
CA ASP B 61 -3.28 -10.26 14.43
C ASP B 61 -1.90 -10.73 14.83
N GLY B 62 -1.87 -11.75 15.65
CA GLY B 62 -0.60 -12.19 16.22
C GLY B 62 0.33 -12.88 15.21
N ALA B 63 -0.22 -13.22 14.05
CA ALA B 63 0.63 -13.75 12.97
C ALA B 63 0.99 -12.72 11.90
N GLY B 64 0.67 -11.44 12.15
CA GLY B 64 0.84 -10.34 11.18
C GLY B 64 -0.23 -10.27 10.10
N LYS B 65 -1.31 -11.04 10.21
CA LYS B 65 -2.34 -11.04 9.16
C LYS B 65 -3.30 -9.88 9.34
N TYR B 66 -3.81 -9.36 8.22
CA TYR B 66 -4.80 -8.28 8.31
C TYR B 66 -6.22 -8.83 8.43
N PHE B 67 -7.04 -8.07 9.12
CA PHE B 67 -8.47 -8.38 9.20
C PHE B 67 -9.32 -7.16 9.59
N LEU B 68 -10.62 -7.22 9.22
CA LEU B 68 -11.59 -6.26 9.71
C LEU B 68 -12.46 -6.89 10.78
N TRP B 69 -12.89 -8.12 10.57
CA TRP B 69 -13.85 -8.72 11.52
C TRP B 69 -13.32 -10.08 12.01
N VAL B 70 -13.43 -11.12 11.19
CA VAL B 70 -13.00 -12.48 11.52
C VAL B 70 -12.10 -13.17 10.51
N VAL B 71 -12.40 -13.08 9.22
CA VAL B 71 -11.57 -13.73 8.19
C VAL B 71 -10.19 -12.98 8.18
N LYS B 72 -9.08 -13.72 8.10
CA LYS B 72 -7.75 -13.11 8.14
C LYS B 72 -7.16 -13.18 6.73
N PHE B 73 -6.36 -12.17 6.38
CA PHE B 73 -5.77 -12.05 5.04
C PHE B 73 -4.28 -11.85 5.15
N ASN B 74 -3.56 -12.52 4.27
CA ASN B 74 -2.10 -12.43 4.25
C ASN B 74 -1.56 -11.12 3.66
N SER B 75 -2.45 -10.33 3.10
CA SER B 75 -2.02 -9.08 2.45
C SER B 75 -3.19 -8.12 2.48
N LEU B 76 -2.90 -6.79 2.37
CA LEU B 76 -4.01 -5.86 2.08
C LEU B 76 -4.71 -6.20 0.75
N ASN B 77 -3.93 -6.61 -0.26
CA ASN B 77 -4.46 -6.94 -1.60
C ASN B 77 -5.54 -8.03 -1.47
N GLU B 78 -5.28 -9.00 -0.61
CA GLU B 78 -6.24 -10.15 -0.39
C GLU B 78 -7.53 -9.72 0.34
N LEU B 79 -7.36 -8.83 1.33
CA LEU B 79 -8.47 -8.25 2.07
C LEU B 79 -9.39 -7.43 1.15
N VAL B 80 -8.76 -6.61 0.30
CA VAL B 80 -9.51 -5.76 -0.66
C VAL B 80 -10.33 -6.61 -1.62
N ASP B 81 -9.68 -7.59 -2.24
CA ASP B 81 -10.39 -8.36 -3.22
C ASP B 81 -11.47 -9.23 -2.62
N TYR B 82 -11.28 -9.67 -1.38
CA TYR B 82 -12.27 -10.52 -0.69
C TYR B 82 -13.56 -9.70 -0.53
N HIS B 83 -13.39 -8.42 -0.21
CA HIS B 83 -14.56 -7.57 0.05
C HIS B 83 -15.11 -6.93 -1.23
N ARG B 84 -14.69 -7.40 -2.41
CA ARG B 84 -15.36 -6.94 -3.62
C ARG B 84 -16.62 -7.78 -3.84
N SER B 85 -16.65 -8.96 -3.25
CA SER B 85 -17.79 -9.90 -3.42
C SER B 85 -18.35 -10.38 -2.09
N THR B 86 -17.74 -9.99 -0.99
CA THR B 86 -18.37 -10.16 0.34
C THR B 86 -18.49 -8.81 1.03
N SER B 87 -19.68 -8.48 1.56
CA SER B 87 -19.90 -7.18 2.19
C SER B 87 -18.82 -6.82 3.19
N VAL B 88 -18.35 -5.57 3.10
CA VAL B 88 -17.37 -5.09 4.02
C VAL B 88 -18.04 -4.80 5.37
N SER B 89 -19.38 -4.68 5.32
CA SER B 89 -20.18 -4.38 6.48
C SER B 89 -21.09 -5.52 6.88
N ARG B 90 -21.12 -5.77 8.17
N ARG B 90 -21.13 -5.76 8.18
CA ARG B 90 -21.99 -6.81 8.65
CA ARG B 90 -21.97 -6.80 8.70
C ARG B 90 -23.48 -6.39 8.61
C ARG B 90 -23.47 -6.39 8.70
N ASN B 91 -23.74 -5.09 8.64
CA ASN B 91 -25.13 -4.58 8.79
C ASN B 91 -25.85 -4.10 7.54
N GLN B 92 -25.07 -3.76 6.51
CA GLN B 92 -25.58 -3.36 5.20
C GLN B 92 -24.75 -4.06 4.14
N GLN B 93 -25.29 -4.19 2.94
CA GLN B 93 -24.58 -4.79 1.82
C GLN B 93 -23.77 -3.73 1.07
N ILE B 94 -22.45 -3.76 1.27
CA ILE B 94 -21.56 -2.73 0.72
C ILE B 94 -20.36 -3.50 0.14
N PHE B 95 -20.19 -3.50 -1.16
CA PHE B 95 -19.08 -4.25 -1.79
C PHE B 95 -18.08 -3.24 -2.34
N LEU B 96 -16.79 -3.47 -2.11
CA LEU B 96 -15.76 -2.47 -2.48
C LEU B 96 -15.73 -2.35 -4.01
N ARG B 97 -15.61 -1.10 -4.48
CA ARG B 97 -15.50 -0.84 -5.92
C ARG B 97 -14.38 0.16 -6.12
N ASP B 98 -13.54 0.00 -7.14
CA ASP B 98 -12.44 0.98 -7.27
C ASP B 98 -12.95 2.41 -7.50
N ILE B 99 -12.21 3.39 -7.00
CA ILE B 99 -12.49 4.77 -7.34
C ILE B 99 -12.36 5.05 -8.85
N GLU B 100 -12.98 6.13 -9.29
CA GLU B 100 -12.95 6.53 -10.68
C GLU B 100 -12.25 7.91 -10.69
N GLN B 101 -11.49 8.19 -11.75
CA GLN B 101 -10.72 9.45 -11.86
C GLN B 101 -11.62 10.62 -12.26
C ACE C 1 18.73 -10.37 -0.50
O ACE C 1 19.24 -9.45 -1.46
CH3 ACE C 1 19.03 -11.61 -0.54
N PTR C 2 18.00 -9.82 0.45
CA PTR C 2 17.65 -8.38 0.44
C PTR C 2 18.93 -7.62 0.72
O PTR C 2 19.72 -8.09 1.58
CB PTR C 2 16.66 -8.19 1.62
CG PTR C 2 15.26 -8.67 1.25
CD1 PTR C 2 14.69 -9.77 1.93
CD2 PTR C 2 14.49 -7.91 0.34
CE1 PTR C 2 13.38 -10.19 1.68
CE2 PTR C 2 13.19 -8.35 0.06
CZ PTR C 2 12.64 -9.47 0.73
OH PTR C 2 11.34 -9.85 0.46
P PTR C 2 11.07 -11.02 -0.73
O1P PTR C 2 9.55 -10.82 -0.93
O2P PTR C 2 11.62 -12.28 -0.18
O3P PTR C 2 11.77 -10.52 -2.00
O 02K C 3 21.71 -5.04 2.20
CD 02K C 3 21.14 -5.11 -2.65
CG 02K C 3 19.95 -4.37 -2.07
CE 02K C 3 21.38 -6.46 -1.93
CB 02K C 3 19.98 -4.29 -0.54
CH 02K C 3 21.49 -6.38 -0.38
N 02K C 3 19.06 -6.48 0.10
C 02K C 3 20.54 -5.19 1.71
CA 02K C 3 20.26 -5.58 0.25
N ASN C 4 19.43 -5.02 2.49
CA ASN C 4 19.48 -4.54 3.88
C ASN C 4 19.40 -5.61 4.99
C1 PRA C 5 19.47 -8.05 5.44
C2 PRA C 5 18.43 -9.12 4.95
C3 PRA C 5 17.02 -8.64 5.22
C1' PRA C 5 16.74 -8.70 6.71
C2' PRA C 5 16.32 -9.89 7.29
C3' PRA C 5 16.07 -9.90 8.67
C4' PRA C 5 16.25 -8.78 9.47
C5' PRA C 5 16.67 -7.59 8.89
C6' PRA C 5 16.90 -7.56 7.51
N PRA C 5 19.45 -6.88 4.55
C ACE D 1 -14.52 5.55 13.73
O ACE D 1 -14.51 5.93 12.53
CH3 ACE D 1 -14.55 6.58 14.89
N PTR D 2 -14.43 4.26 14.11
CA PTR D 2 -14.32 3.24 13.10
C PTR D 2 -15.44 2.26 13.31
O PTR D 2 -15.65 1.82 14.45
CB PTR D 2 -12.96 2.49 13.26
CG PTR D 2 -11.78 3.37 13.02
CD1 PTR D 2 -11.27 3.54 11.70
CD2 PTR D 2 -11.20 4.06 14.10
CE1 PTR D 2 -10.17 4.39 11.49
CE2 PTR D 2 -10.10 4.85 13.88
CZ PTR D 2 -9.60 5.04 12.57
OH PTR D 2 -8.50 5.85 12.50
P PTR D 2 -8.24 6.95 11.39
O1P PTR D 2 -7.63 8.14 12.11
O2P PTR D 2 -9.51 7.29 10.60
O3P PTR D 2 -7.09 6.35 10.52
O 02K D 3 -17.75 -0.80 13.83
CD 02K D 3 -19.24 2.40 10.53
CG 02K D 3 -18.02 1.70 9.86
CE 02K D 3 -18.78 2.91 11.92
CB 02K D 3 -17.48 0.53 10.70
CH 02K D 3 -18.40 1.70 12.80
N 02K D 3 -16.05 1.88 12.20
C 02K D 3 -16.93 -0.34 13.00
CA 02K D 3 -17.20 0.93 12.18
N ASN D 4 -15.75 -0.90 12.74
CA ASN D 4 -15.34 -2.22 13.28
C ASN D 4 -14.44 -2.18 14.48
C1 PRA D 5 -13.50 -0.88 16.37
C2 PRA D 5 -12.09 -0.23 16.23
C3 PRA D 5 -10.92 -1.25 16.00
C1' PRA D 5 -10.65 -2.44 17.00
C2' PRA D 5 -9.61 -2.36 17.93
C3' PRA D 5 -9.34 -3.41 18.84
C4' PRA D 5 -10.08 -4.59 18.81
C5' PRA D 5 -11.12 -4.71 17.87
C6' PRA D 5 -11.40 -3.65 16.97
N PRA D 5 -14.32 -1.03 15.16
C1 GOL E . -13.27 -7.23 15.01
O1 GOL E . -13.85 -5.98 14.57
C2 GOL E . -13.85 -7.62 16.37
O2 GOL E . -14.63 -6.52 16.94
C3 GOL E . -14.66 -8.92 16.18
O3 GOL E . -16.09 -8.74 16.34
CA CA F . -18.97 4.99 -12.43
CL CL G . -16.51 -5.42 10.18
C1 GOL H . -9.08 10.26 14.23
O1 GOL H . -8.77 10.42 12.86
C2 GOL H . -10.13 9.17 14.33
O2 GOL H . -9.70 8.24 15.34
C3 GOL H . -11.46 9.81 14.77
O3 GOL H . -12.38 8.78 15.07
#